data_7QUX
#
_entry.id   7QUX
#
_cell.length_a   57.461
_cell.length_b   63.250
_cell.length_c   58.672
_cell.angle_alpha   90.000
_cell.angle_beta   108.440
_cell.angle_gamma   90.000
#
_symmetry.space_group_name_H-M   'P 1 21 1'
#
loop_
_entity.id
_entity.type
_entity.pdbx_description
1 polymer 'Casein kinase II subunit alpha'
2 polymer P7C8
3 non-polymer "ADENOSINE-5'-DIPHOSPHATE"
4 non-polymer GLYCEROL
5 non-polymer 'MAGNESIUM ION'
6 non-polymer 'SULFATE ION'
7 non-polymer 'CARBAMIC ACID'
8 water water
#
loop_
_entity_poly.entity_id
_entity_poly.type
_entity_poly.pdbx_seq_one_letter_code
_entity_poly.pdbx_strand_id
1 'polypeptide(L)'
;GSMDIEFDDDADDDGSGSGSGSG(SEP)(SEP)GPVPSRARVYTDVNTHRPREYWDYESHVVEWGNQDDYQLVRKLGRGK
YSEVFEAINITNNEKVVVKILKPVKKKKIKREIKILENLRGGPNIITLADIVKDPVSRTPALVFEHVNNTDFKQLYQTLT
DYDIRFYMYEILKALDYCHSMGIMHRDVKPHNVMIDHEHRKLRLIDWGLAEFYHPGQEYNVRVASRYFKGPELLVDYQMY
DYSLDMWSLGCMLASMIFRKEPFFHGHDNYDQLVRIAKVLGTEDLYDYIDKYNIELDPRFNDILGRHSRKRWERFVHSEN
QHLVSPEALDFLDKLLRYDHQSRLTAREAMEHPYFYTVVK
;
A
2 'polypeptide(L)' CRLYGFKW D
#
# COMPACT_ATOMS: atom_id res chain seq x y z
N GLY A 23 -13.74 28.49 5.27
CA GLY A 23 -13.91 29.82 4.58
C GLY A 23 -13.36 29.80 3.15
N GLY A 26 -10.06 27.97 2.47
CA GLY A 26 -9.94 26.54 2.67
C GLY A 26 -9.72 25.76 1.36
N PRO A 27 -9.01 24.60 1.38
CA PRO A 27 -9.23 23.59 0.34
C PRO A 27 -10.71 23.16 0.35
N VAL A 28 -11.24 22.75 -0.80
CA VAL A 28 -12.62 22.22 -0.93
C VAL A 28 -12.64 20.83 -0.29
N PRO A 29 -13.65 20.51 0.53
CA PRO A 29 -13.73 19.19 1.15
C PRO A 29 -14.01 18.07 0.12
N SER A 30 -13.71 16.85 0.56
CA SER A 30 -13.87 15.61 -0.24
C SER A 30 -14.35 14.50 0.69
N ARG A 31 -15.18 13.60 0.16
CA ARG A 31 -15.65 12.37 0.85
C ARG A 31 -15.28 11.20 -0.06
N ALA A 32 -14.96 10.04 0.53
CA ALA A 32 -14.83 8.78 -0.24
C ALA A 32 -16.14 8.55 -0.97
N ARG A 33 -16.08 8.08 -2.21
CA ARG A 33 -17.30 7.71 -2.95
C ARG A 33 -17.95 6.44 -2.38
N VAL A 34 -17.18 5.57 -1.74
CA VAL A 34 -17.58 4.26 -1.25
C VAL A 34 -17.14 4.09 0.20
N TYR A 35 -17.82 3.20 0.91
CA TYR A 35 -17.54 2.84 2.31
C TYR A 35 -17.38 4.10 3.15
N THR A 36 -18.20 5.08 2.87
CA THR A 36 -17.94 6.46 3.37
C THR A 36 -18.08 6.51 4.89
N ASP A 37 -19.13 5.91 5.42
CA ASP A 37 -19.58 6.09 6.83
C ASP A 37 -19.38 4.79 7.61
N VAL A 38 -18.57 3.86 7.14
CA VAL A 38 -18.52 2.51 7.76
C VAL A 38 -17.96 2.63 9.21
N ASN A 39 -17.03 3.51 9.49
CA ASN A 39 -16.48 3.57 10.87
C ASN A 39 -17.45 4.33 11.80
N THR A 40 -18.15 5.31 11.29
CA THR A 40 -19.19 6.09 12.03
C THR A 40 -20.14 5.13 12.72
N HIS A 41 -20.54 4.05 12.02
CA HIS A 41 -21.62 3.12 12.45
C HIS A 41 -21.07 1.92 13.19
N ARG A 42 -19.75 1.85 13.42
CA ARG A 42 -19.11 0.79 14.22
C ARG A 42 -19.15 1.23 15.69
N PRO A 43 -18.98 0.30 16.64
CA PRO A 43 -18.69 0.67 18.02
C PRO A 43 -17.41 1.48 18.02
N ARG A 44 -17.31 2.45 18.93
CA ARG A 44 -16.09 3.27 19.05
C ARG A 44 -14.86 2.37 19.18
N GLU A 45 -14.90 1.27 19.92
CA GLU A 45 -13.66 0.52 20.20
C GLU A 45 -13.04 -0.02 18.89
N TYR A 46 -13.83 -0.13 17.83
CA TYR A 46 -13.31 -0.63 16.53
C TYR A 46 -12.21 0.29 16.01
N TRP A 47 -12.44 1.60 15.99
CA TRP A 47 -11.55 2.62 15.39
C TRP A 47 -10.71 3.38 16.42
N ASP A 48 -11.11 3.34 17.70
CA ASP A 48 -10.39 4.12 18.74
C ASP A 48 -9.17 3.33 19.25
N TYR A 49 -8.13 3.24 18.43
CA TYR A 49 -6.95 2.41 18.68
C TYR A 49 -6.16 2.92 19.89
N GLU A 50 -6.27 4.20 20.20
CA GLU A 50 -5.55 4.79 21.36
C GLU A 50 -6.06 4.15 22.65
N SER A 51 -7.33 3.73 22.68
CA SER A 51 -7.94 3.02 23.85
C SER A 51 -7.57 1.54 23.88
N HIS A 52 -6.97 0.99 22.83
CA HIS A 52 -6.66 -0.47 22.76
C HIS A 52 -5.65 -0.85 23.85
N VAL A 53 -5.89 -2.02 24.48
CA VAL A 53 -4.96 -2.59 25.50
C VAL A 53 -4.30 -3.86 24.95
N VAL A 54 -2.98 -3.94 24.99
CA VAL A 54 -2.20 -5.13 24.54
C VAL A 54 -2.08 -6.09 25.74
N GLU A 55 -2.39 -7.37 25.49
CA GLU A 55 -2.08 -8.50 26.40
C GLU A 55 -0.86 -9.23 25.80
N TRP A 56 0.32 -8.99 26.34
CA TRP A 56 1.63 -9.43 25.82
C TRP A 56 1.74 -10.95 25.87
N GLY A 57 2.20 -11.55 24.78
CA GLY A 57 2.62 -12.96 24.75
C GLY A 57 3.98 -13.17 25.36
N ASN A 58 4.52 -14.36 25.18
CA ASN A 58 5.80 -14.79 25.79
C ASN A 58 6.88 -14.68 24.73
N GLN A 59 7.75 -13.70 24.85
CA GLN A 59 8.88 -13.49 23.90
C GLN A 59 9.70 -14.78 23.79
N ASP A 60 9.81 -15.60 24.85
CA ASP A 60 10.66 -16.82 24.86
C ASP A 60 10.14 -17.89 23.91
N ASP A 61 8.89 -17.76 23.44
CA ASP A 61 8.29 -18.66 22.43
C ASP A 61 9.05 -18.58 21.10
N TYR A 62 9.83 -17.53 20.85
CA TYR A 62 10.33 -17.19 19.49
C TYR A 62 11.84 -17.04 19.50
N GLN A 63 12.47 -17.81 18.61
CA GLN A 63 13.93 -17.81 18.40
C GLN A 63 14.15 -17.43 16.92
N LEU A 64 15.00 -16.46 16.70
CA LEU A 64 15.36 -15.90 15.38
C LEU A 64 16.27 -16.87 14.63
N VAL A 65 15.95 -17.10 13.37
CA VAL A 65 16.65 -18.08 12.50
C VAL A 65 17.45 -17.31 11.45
N ARG A 66 16.89 -16.25 10.89
CA ARG A 66 17.45 -15.56 9.68
C ARG A 66 16.88 -14.16 9.59
N LYS A 67 17.65 -13.21 9.12
CA LYS A 67 17.14 -11.84 8.84
C LYS A 67 16.44 -11.81 7.48
N LEU A 68 15.28 -11.15 7.39
CA LEU A 68 14.47 -11.08 6.15
C LEU A 68 14.42 -9.64 5.59
N GLY A 69 14.39 -8.61 6.43
CA GLY A 69 14.19 -7.21 5.99
C GLY A 69 14.49 -6.24 7.12
N ARG A 70 14.94 -5.01 6.81
CA ARG A 70 15.19 -3.94 7.81
C ARG A 70 14.91 -2.57 7.21
N GLY A 71 14.26 -1.71 8.01
CA GLY A 71 13.71 -0.38 7.64
C GLY A 71 14.03 0.64 8.70
N LYS A 72 13.54 1.87 8.53
CA LYS A 72 13.63 2.97 9.52
C LYS A 72 12.78 2.63 10.75
N TYR A 73 11.73 1.80 10.56
CA TYR A 73 10.72 1.45 11.60
C TYR A 73 10.88 0.01 12.11
N SER A 74 11.61 -0.88 11.45
CA SER A 74 11.58 -2.30 11.89
C SER A 74 12.77 -3.10 11.39
N GLU A 75 13.05 -4.19 12.09
CA GLU A 75 13.95 -5.25 11.63
C GLU A 75 13.08 -6.51 11.58
N VAL A 76 13.15 -7.30 10.51
CA VAL A 76 12.24 -8.44 10.34
C VAL A 76 13.07 -9.71 10.20
N PHE A 77 12.72 -10.72 10.99
CA PHE A 77 13.35 -12.04 11.01
C PHE A 77 12.37 -13.15 10.75
N GLU A 78 12.85 -14.18 10.09
CA GLU A 78 12.30 -15.53 10.15
C GLU A 78 12.63 -16.06 11.55
N ALA A 79 11.67 -16.72 12.17
CA ALA A 79 11.82 -17.25 13.54
C ALA A 79 11.10 -18.59 13.61
N ILE A 80 11.36 -19.31 14.70
CA ILE A 80 10.70 -20.57 15.04
C ILE A 80 9.93 -20.26 16.31
N ASN A 81 8.68 -20.69 16.32
CA ASN A 81 7.88 -20.78 17.56
C ASN A 81 8.28 -22.12 18.21
N ILE A 82 9.09 -22.09 19.27
CA ILE A 82 9.62 -23.34 19.91
C ILE A 82 8.49 -24.12 20.61
N THR A 83 7.31 -23.52 20.82
CA THR A 83 6.17 -24.20 21.47
C THR A 83 5.48 -25.13 20.48
N ASN A 84 5.67 -24.95 19.17
CA ASN A 84 4.93 -25.76 18.17
C ASN A 84 5.76 -26.05 16.92
N ASN A 85 7.03 -25.65 16.92
CA ASN A 85 8.00 -25.84 15.82
C ASN A 85 7.49 -25.12 14.56
N GLU A 86 6.67 -24.07 14.68
CA GLU A 86 6.12 -23.35 13.50
C GLU A 86 7.08 -22.24 13.08
N LYS A 87 7.30 -22.11 11.78
CA LYS A 87 8.06 -21.01 11.18
C LYS A 87 7.16 -19.77 11.22
N VAL A 88 7.66 -18.67 11.77
CA VAL A 88 6.92 -17.39 11.86
C VAL A 88 7.84 -16.27 11.40
N VAL A 89 7.29 -15.08 11.33
CA VAL A 89 8.05 -13.83 11.09
C VAL A 89 7.86 -12.90 12.27
N VAL A 90 8.98 -12.33 12.72
CA VAL A 90 8.96 -11.37 13.87
C VAL A 90 9.30 -9.99 13.34
N LYS A 91 8.42 -9.02 13.56
CA LYS A 91 8.69 -7.62 13.13
C LYS A 91 9.10 -6.84 14.38
N ILE A 92 10.41 -6.64 14.56
CA ILE A 92 10.93 -5.85 15.72
C ILE A 92 10.75 -4.38 15.38
N LEU A 93 9.94 -3.68 16.15
CA LEU A 93 9.60 -2.26 15.88
C LEU A 93 10.70 -1.34 16.45
N LYS A 94 11.29 -0.51 15.57
CA LYS A 94 12.17 0.62 15.96
C LYS A 94 11.32 1.61 16.76
N PRO A 95 11.96 2.43 17.62
CA PRO A 95 11.24 3.37 18.48
C PRO A 95 10.33 4.33 17.71
N VAL A 96 9.06 4.36 18.10
CA VAL A 96 7.99 5.24 17.56
C VAL A 96 7.01 5.43 18.72
N LYS A 97 6.10 6.40 18.61
CA LYS A 97 5.10 6.67 19.67
C LYS A 97 4.31 5.39 19.96
N LYS A 98 3.96 5.15 21.21
CA LYS A 98 3.16 3.93 21.59
C LYS A 98 1.89 3.90 20.73
N LYS A 99 1.34 5.09 20.47
CA LYS A 99 0.07 5.37 19.73
C LYS A 99 0.10 4.66 18.36
N LYS A 100 1.24 4.73 17.69
CA LYS A 100 1.40 4.14 16.33
C LYS A 100 1.46 2.63 16.45
N ILE A 101 2.02 2.13 17.55
CA ILE A 101 2.10 0.65 17.74
C ILE A 101 0.68 0.13 17.95
N LYS A 102 -0.13 0.80 18.75
CA LYS A 102 -1.53 0.36 18.96
C LYS A 102 -2.30 0.43 17.63
N ARG A 103 -1.99 1.40 16.78
CA ARG A 103 -2.77 1.56 15.51
C ARG A 103 -2.51 0.35 14.60
N GLU A 104 -1.25 -0.03 14.44
CA GLU A 104 -0.90 -1.19 13.57
C GLU A 104 -1.53 -2.47 14.15
N ILE A 105 -1.43 -2.65 15.46
CA ILE A 105 -2.00 -3.86 16.12
C ILE A 105 -3.53 -3.88 15.93
N LYS A 106 -4.19 -2.76 16.22
CA LYS A 106 -5.67 -2.72 16.15
C LYS A 106 -6.12 -3.01 14.72
N ILE A 107 -5.46 -2.38 13.75
CA ILE A 107 -5.83 -2.61 12.34
C ILE A 107 -5.61 -4.06 11.99
N LEU A 108 -4.50 -4.66 12.38
CA LEU A 108 -4.24 -6.09 12.04
C LEU A 108 -5.31 -6.98 12.69
N GLU A 109 -5.71 -6.66 13.91
CA GLU A 109 -6.74 -7.50 14.62
C GLU A 109 -8.09 -7.31 13.92
N ASN A 110 -8.40 -6.08 13.49
CA ASN A 110 -9.69 -5.76 12.86
C ASN A 110 -9.77 -6.56 11.55
N LEU A 111 -8.67 -6.63 10.83
CA LEU A 111 -8.67 -7.18 9.45
C LEU A 111 -8.31 -8.67 9.43
N ARG A 112 -7.94 -9.24 10.56
CA ARG A 112 -7.45 -10.64 10.64
C ARG A 112 -8.53 -11.62 10.12
N GLY A 113 -8.09 -12.53 9.27
CA GLY A 113 -8.95 -13.52 8.59
C GLY A 113 -9.53 -13.02 7.29
N GLY A 114 -9.29 -11.76 6.91
CA GLY A 114 -9.84 -11.25 5.66
C GLY A 114 -9.00 -11.75 4.48
N PRO A 115 -9.55 -11.63 3.27
CA PRO A 115 -8.93 -12.12 2.07
C PRO A 115 -7.56 -11.47 1.85
N ASN A 116 -6.54 -12.34 1.80
CA ASN A 116 -5.14 -11.94 1.49
C ASN A 116 -4.60 -10.89 2.45
N ILE A 117 -5.09 -10.88 3.68
CA ILE A 117 -4.54 -9.99 4.74
C ILE A 117 -3.58 -10.84 5.58
N ILE A 118 -2.38 -10.32 5.83
CA ILE A 118 -1.41 -11.05 6.68
C ILE A 118 -2.01 -11.29 8.07
N THR A 119 -1.72 -12.46 8.62
CA THR A 119 -2.27 -12.81 9.95
C THR A 119 -1.29 -12.46 11.08
N LEU A 120 -1.73 -11.59 11.98
CA LEU A 120 -0.96 -11.32 13.21
C LEU A 120 -1.19 -12.50 14.16
N ALA A 121 -0.13 -13.12 14.64
CA ALA A 121 -0.19 -14.33 15.50
C ALA A 121 0.03 -13.96 16.97
N ASP A 122 0.87 -12.99 17.26
CA ASP A 122 1.25 -12.71 18.67
C ASP A 122 1.86 -11.34 18.74
N ILE A 123 1.96 -10.79 19.95
CA ILE A 123 2.56 -9.46 20.26
C ILE A 123 3.43 -9.67 21.49
N VAL A 124 4.72 -9.38 21.38
CA VAL A 124 5.69 -9.62 22.50
C VAL A 124 6.61 -8.42 22.70
N LYS A 125 7.34 -8.38 23.80
CA LYS A 125 8.21 -7.23 24.14
C LYS A 125 9.48 -7.73 24.84
N ASP A 126 10.62 -7.13 24.51
CA ASP A 126 11.91 -7.36 25.22
C ASP A 126 11.76 -6.84 26.65
N PRO A 127 11.90 -7.68 27.69
CA PRO A 127 11.76 -7.18 29.07
C PRO A 127 12.84 -6.13 29.36
N VAL A 128 14.04 -6.30 28.81
CA VAL A 128 15.21 -5.42 29.06
C VAL A 128 14.98 -4.09 28.33
N SER A 129 15.01 -4.09 26.99
CA SER A 129 14.95 -2.87 26.14
C SER A 129 13.52 -2.34 26.00
N ARG A 130 12.50 -3.15 26.31
CA ARG A 130 11.05 -2.81 26.19
C ARG A 130 10.67 -2.65 24.70
N THR A 131 11.50 -3.15 23.79
CA THR A 131 11.24 -3.10 22.33
C THR A 131 10.11 -4.08 22.05
N PRO A 132 8.97 -3.62 21.49
CA PRO A 132 7.84 -4.49 21.15
C PRO A 132 8.04 -5.10 19.76
N ALA A 133 7.41 -6.24 19.55
CA ALA A 133 7.58 -7.03 18.31
C ALA A 133 6.23 -7.66 17.97
N LEU A 134 5.91 -7.64 16.68
CA LEU A 134 4.73 -8.31 16.10
C LEU A 134 5.17 -9.64 15.53
N VAL A 135 4.43 -10.69 15.81
CA VAL A 135 4.68 -12.02 15.24
C VAL A 135 3.60 -12.31 14.22
N PHE A 136 4.02 -12.69 13.03
CA PHE A 136 3.14 -12.91 11.88
C PHE A 136 3.32 -14.31 11.32
N GLU A 137 2.26 -14.75 10.63
CA GLU A 137 2.27 -15.78 9.58
C GLU A 137 3.52 -15.55 8.71
N HIS A 138 4.25 -16.61 8.37
CA HIS A 138 5.40 -16.48 7.47
C HIS A 138 4.93 -16.61 6.02
N VAL A 139 5.38 -15.74 5.13
CA VAL A 139 5.14 -15.94 3.68
C VAL A 139 6.52 -16.16 3.04
N ASN A 140 6.61 -17.16 2.17
CA ASN A 140 7.88 -17.49 1.50
C ASN A 140 8.04 -16.65 0.25
N ASN A 141 8.35 -15.38 0.43
CA ASN A 141 8.32 -14.32 -0.61
C ASN A 141 9.43 -14.57 -1.63
N THR A 142 9.22 -14.12 -2.84
CA THR A 142 10.30 -13.93 -3.82
C THR A 142 10.45 -12.43 -4.07
N ASP A 143 11.64 -11.87 -3.84
CA ASP A 143 11.95 -10.43 -4.07
C ASP A 143 11.35 -10.02 -5.42
N PHE A 144 10.61 -8.92 -5.42
CA PHE A 144 9.88 -8.43 -6.62
C PHE A 144 10.91 -8.20 -7.75
N LYS A 145 12.13 -7.80 -7.40
CA LYS A 145 13.18 -7.47 -8.39
C LYS A 145 13.59 -8.74 -9.13
N GLN A 146 13.38 -9.94 -8.56
CA GLN A 146 13.52 -11.24 -9.27
C GLN A 146 12.17 -11.68 -9.86
N LEU A 147 11.10 -11.60 -9.07
CA LEU A 147 9.82 -12.26 -9.45
C LEU A 147 9.16 -11.56 -10.64
N TYR A 148 9.01 -10.23 -10.57
CA TYR A 148 8.05 -9.52 -11.45
C TYR A 148 8.49 -9.71 -12.90
N GLN A 149 9.80 -9.79 -13.16
CA GLN A 149 10.28 -9.85 -14.58
C GLN A 149 9.98 -11.24 -15.19
N THR A 150 9.57 -12.22 -14.39
CA THR A 150 9.23 -13.62 -14.77
C THR A 150 7.73 -13.82 -14.98
N LEU A 151 6.90 -12.85 -14.55
CA LEU A 151 5.45 -13.07 -14.55
C LEU A 151 4.90 -13.05 -15.96
N THR A 152 3.97 -13.95 -16.25
CA THR A 152 3.21 -13.91 -17.53
C THR A 152 2.13 -12.82 -17.47
N ASP A 153 1.51 -12.49 -18.60
CA ASP A 153 0.31 -11.60 -18.62
C ASP A 153 -0.75 -12.16 -17.67
N TYR A 154 -1.04 -13.45 -17.74
CA TYR A 154 -2.00 -14.11 -16.83
C TYR A 154 -1.57 -13.85 -15.38
N ASP A 155 -0.31 -14.12 -15.05
CA ASP A 155 0.18 -14.01 -13.64
C ASP A 155 -0.03 -12.57 -13.12
N ILE A 156 0.20 -11.56 -13.94
CA ILE A 156 0.05 -10.16 -13.50
C ILE A 156 -1.43 -9.90 -13.20
N ARG A 157 -2.29 -10.29 -14.10
CA ARG A 157 -3.76 -10.14 -13.86
C ARG A 157 -4.16 -10.90 -12.61
N PHE A 158 -3.65 -12.13 -12.39
CA PHE A 158 -4.00 -12.95 -11.24
C PHE A 158 -3.58 -12.24 -9.95
N TYR A 159 -2.33 -11.81 -9.86
CA TYR A 159 -1.87 -11.19 -8.59
C TYR A 159 -2.51 -9.82 -8.35
N MET A 160 -2.74 -9.06 -9.42
N MET A 160 -2.73 -9.06 -9.43
CA MET A 160 -3.43 -7.75 -9.27
CA MET A 160 -3.43 -7.77 -9.30
C MET A 160 -4.82 -8.02 -8.69
C MET A 160 -4.82 -8.02 -8.70
N TYR A 161 -5.50 -9.06 -9.16
CA TYR A 161 -6.84 -9.42 -8.63
C TYR A 161 -6.75 -9.82 -7.17
N GLU A 162 -5.70 -10.56 -6.77
CA GLU A 162 -5.52 -10.89 -5.35
C GLU A 162 -5.27 -9.62 -4.50
N ILE A 163 -4.50 -8.65 -4.99
CA ILE A 163 -4.26 -7.40 -4.22
C ILE A 163 -5.62 -6.70 -4.09
N LEU A 164 -6.38 -6.65 -5.17
CA LEU A 164 -7.72 -5.96 -5.11
C LEU A 164 -8.64 -6.61 -4.08
N LYS A 165 -8.60 -7.91 -3.90
CA LYS A 165 -9.43 -8.58 -2.86
C LYS A 165 -9.04 -8.01 -1.50
N ALA A 166 -7.73 -7.88 -1.20
CA ALA A 166 -7.26 -7.31 0.08
C ALA A 166 -7.70 -5.86 0.24
N LEU A 167 -7.54 -5.04 -0.81
CA LEU A 167 -7.88 -3.62 -0.74
C LEU A 167 -9.41 -3.43 -0.63
N ASP A 168 -10.20 -4.15 -1.43
CA ASP A 168 -11.67 -3.97 -1.27
C ASP A 168 -12.04 -4.39 0.15
N TYR A 169 -11.41 -5.44 0.66
CA TYR A 169 -11.67 -5.90 2.03
C TYR A 169 -11.32 -4.80 3.01
N CYS A 170 -10.07 -4.31 3.01
CA CYS A 170 -9.66 -3.34 4.03
C CYS A 170 -10.46 -2.04 3.87
N HIS A 171 -10.69 -1.56 2.67
CA HIS A 171 -11.54 -0.37 2.44
C HIS A 171 -12.93 -0.61 3.01
N SER A 172 -13.49 -1.79 2.77
CA SER A 172 -14.87 -2.12 3.24
C SER A 172 -14.89 -2.11 4.77
N MET A 173 -13.74 -2.38 5.37
CA MET A 173 -13.56 -2.38 6.85
C MET A 173 -13.18 -0.99 7.38
N GLY A 174 -13.21 0.05 6.55
CA GLY A 174 -12.92 1.43 6.96
C GLY A 174 -11.46 1.74 7.10
N ILE A 175 -10.59 1.00 6.43
CA ILE A 175 -9.11 1.15 6.59
C ILE A 175 -8.45 1.45 5.25
N MET A 176 -7.60 2.49 5.28
CA MET A 176 -6.76 2.83 4.11
C MET A 176 -5.37 2.26 4.42
N HIS A 177 -4.75 1.57 3.46
CA HIS A 177 -3.40 0.98 3.68
C HIS A 177 -2.35 2.09 3.72
N ARG A 178 -2.33 2.95 2.69
CA ARG A 178 -1.42 4.14 2.66
C ARG A 178 0.05 3.78 2.43
N ASP A 179 0.37 2.53 2.10
CA ASP A 179 1.78 2.18 1.75
C ASP A 179 1.79 1.01 0.78
N VAL A 180 0.89 1.07 -0.22
CA VAL A 180 0.84 0.00 -1.25
C VAL A 180 2.06 0.11 -2.15
N LYS A 181 2.85 -0.95 -2.21
CA LYS A 181 4.10 -1.01 -2.99
C LYS A 181 4.60 -2.43 -2.95
N PRO A 182 5.49 -2.84 -3.90
CA PRO A 182 5.92 -4.23 -3.98
C PRO A 182 6.47 -4.84 -2.68
N HIS A 183 7.26 -4.06 -1.93
CA HIS A 183 7.89 -4.60 -0.70
C HIS A 183 6.83 -4.90 0.38
N ASN A 184 5.62 -4.35 0.22
CA ASN A 184 4.53 -4.59 1.20
C ASN A 184 3.56 -5.62 0.63
N VAL A 185 3.94 -6.29 -0.45
CA VAL A 185 3.08 -7.35 -1.05
C VAL A 185 3.89 -8.66 -1.09
N MET A 186 3.58 -9.58 -0.19
CA MET A 186 4.33 -10.86 -0.10
C MET A 186 3.67 -11.89 -1.02
N ILE A 187 4.49 -12.55 -1.83
CA ILE A 187 3.99 -13.54 -2.79
C ILE A 187 4.74 -14.86 -2.64
N ASP A 188 4.01 -15.90 -2.28
CA ASP A 188 4.57 -17.26 -2.27
C ASP A 188 4.20 -17.84 -3.61
N HIS A 189 5.06 -17.64 -4.59
CA HIS A 189 4.76 -17.96 -5.99
C HIS A 189 4.51 -19.46 -6.20
N GLU A 190 5.21 -20.34 -5.47
CA GLU A 190 4.92 -21.78 -5.55
C GLU A 190 3.41 -22.01 -5.42
N HIS A 191 2.79 -21.30 -4.49
CA HIS A 191 1.38 -21.54 -4.08
C HIS A 191 0.41 -20.53 -4.71
N ARG A 192 0.91 -19.58 -5.48
CA ARG A 192 0.13 -18.42 -6.03
C ARG A 192 -0.63 -17.75 -4.87
N LYS A 193 0.06 -17.60 -3.76
CA LYS A 193 -0.42 -17.07 -2.47
C LYS A 193 0.11 -15.65 -2.29
N LEU A 194 -0.81 -14.70 -2.13
CA LEU A 194 -0.42 -13.28 -1.94
C LEU A 194 -0.93 -12.77 -0.59
N ARG A 195 -0.09 -12.01 0.10
CA ARG A 195 -0.53 -11.38 1.37
C ARG A 195 -0.15 -9.90 1.35
N LEU A 196 -1.11 -9.04 1.64
CA LEU A 196 -0.82 -7.59 1.79
C LEU A 196 -0.33 -7.38 3.22
N ILE A 197 0.93 -6.97 3.37
CA ILE A 197 1.51 -6.82 4.74
C ILE A 197 1.76 -5.34 5.05
N ASP A 198 2.42 -5.07 6.17
CA ASP A 198 2.81 -3.68 6.54
C ASP A 198 1.60 -2.76 6.70
N TRP A 199 0.93 -2.85 7.86
CA TRP A 199 -0.23 -1.97 8.15
C TRP A 199 0.20 -0.89 9.15
N GLY A 200 1.50 -0.58 9.20
CA GLY A 200 2.02 0.42 10.16
C GLY A 200 1.69 1.86 9.80
N LEU A 201 1.35 2.13 8.54
CA LEU A 201 0.95 3.50 8.13
C LEU A 201 -0.55 3.54 7.85
N ALA A 202 -1.23 2.40 7.99
CA ALA A 202 -2.68 2.32 7.70
C ALA A 202 -3.46 3.19 8.69
N GLU A 203 -4.62 3.65 8.24
CA GLU A 203 -5.42 4.52 9.10
C GLU A 203 -6.89 4.24 8.87
N PHE A 204 -7.68 4.63 9.85
CA PHE A 204 -9.15 4.57 9.80
C PHE A 204 -9.65 5.77 9.02
N TYR A 205 -10.48 5.52 8.04
CA TYR A 205 -11.15 6.54 7.23
C TYR A 205 -12.37 7.08 8.00
N HIS A 206 -12.33 8.37 8.31
CA HIS A 206 -13.47 9.12 8.86
C HIS A 206 -13.77 10.29 7.93
N PRO A 207 -15.01 10.39 7.42
CA PRO A 207 -15.33 11.45 6.48
C PRO A 207 -15.04 12.84 7.08
N GLY A 208 -14.33 13.66 6.33
CA GLY A 208 -13.99 15.04 6.68
C GLY A 208 -12.68 15.12 7.39
N GLN A 209 -12.08 13.98 7.77
CA GLN A 209 -10.82 13.99 8.53
C GLN A 209 -9.66 14.38 7.60
N GLU A 210 -8.79 15.23 8.11
CA GLU A 210 -7.54 15.64 7.44
C GLU A 210 -6.41 14.76 7.92
N TYR A 211 -5.74 14.14 6.98
CA TYR A 211 -4.68 13.16 7.25
C TYR A 211 -3.34 13.79 6.90
N ASN A 212 -2.31 13.17 7.45
CA ASN A 212 -0.89 13.49 7.18
C ASN A 212 -0.61 13.11 5.73
N VAL A 213 -0.03 14.02 4.93
CA VAL A 213 0.32 13.71 3.51
C VAL A 213 1.68 13.01 3.44
N ARG A 214 2.43 13.00 4.54
CA ARG A 214 3.78 12.38 4.55
C ARG A 214 3.61 10.88 4.80
N VAL A 215 2.90 10.21 3.89
CA VAL A 215 2.64 8.76 4.04
C VAL A 215 3.01 8.06 2.71
N ALA A 216 2.87 6.74 2.65
CA ALA A 216 3.23 5.97 1.44
C ALA A 216 4.72 6.13 1.16
N SER A 217 5.17 5.63 0.01
CA SER A 217 6.58 5.79 -0.39
C SER A 217 6.62 6.69 -1.65
N ARG A 218 7.64 7.54 -1.78
CA ARG A 218 7.70 8.55 -2.87
C ARG A 218 7.13 8.08 -4.21
N TYR A 219 7.65 6.98 -4.77
CA TYR A 219 7.24 6.56 -6.14
C TYR A 219 5.77 6.17 -6.20
N PHE A 220 5.16 5.88 -5.05
CA PHE A 220 3.75 5.37 -5.05
C PHE A 220 2.81 6.42 -4.45
N LYS A 221 3.35 7.59 -4.12
CA LYS A 221 2.53 8.67 -3.50
C LYS A 221 1.54 9.20 -4.54
N GLY A 222 0.26 9.31 -4.14
CA GLY A 222 -0.74 9.89 -5.05
C GLY A 222 -0.56 11.39 -5.18
N PRO A 223 -1.01 11.99 -6.29
CA PRO A 223 -0.97 13.45 -6.46
C PRO A 223 -1.53 14.21 -5.26
N GLU A 224 -2.58 13.71 -4.60
CA GLU A 224 -3.14 14.39 -3.40
C GLU A 224 -2.05 14.63 -2.35
N LEU A 225 -1.17 13.66 -2.15
CA LEU A 225 -0.07 13.78 -1.16
C LEU A 225 0.97 14.78 -1.66
N LEU A 226 1.21 14.79 -2.96
CA LEU A 226 2.29 15.63 -3.51
C LEU A 226 1.85 17.10 -3.57
N VAL A 227 0.56 17.36 -3.73
CA VAL A 227 0.06 18.77 -3.73
C VAL A 227 -0.48 19.17 -2.34
N ASP A 228 -0.30 18.31 -1.34
CA ASP A 228 -0.63 18.57 0.08
C ASP A 228 -2.15 18.75 0.22
N TYR A 229 -2.94 17.80 -0.27
CA TYR A 229 -4.40 17.77 -0.09
C TYR A 229 -4.71 16.72 0.99
N GLN A 230 -5.15 17.14 2.17
CA GLN A 230 -5.19 16.29 3.39
C GLN A 230 -6.45 15.46 3.48
N MET A 231 -7.54 15.82 2.79
CA MET A 231 -8.83 15.16 3.01
C MET A 231 -9.02 14.03 2.00
N TYR A 232 -8.04 13.13 2.00
CA TYR A 232 -7.96 12.02 1.05
C TYR A 232 -8.63 10.79 1.69
N ASP A 233 -8.61 9.69 0.94
CA ASP A 233 -9.41 8.50 1.35
C ASP A 233 -8.83 7.24 0.70
N TYR A 234 -9.60 6.15 0.73
CA TYR A 234 -9.17 4.83 0.23
C TYR A 234 -8.54 4.95 -1.18
N SER A 235 -9.02 5.94 -1.97
CA SER A 235 -8.60 6.06 -3.38
C SER A 235 -7.08 6.28 -3.47
N LEU A 236 -6.41 6.78 -2.43
CA LEU A 236 -4.93 6.86 -2.40
C LEU A 236 -4.30 5.52 -2.79
N ASP A 237 -4.83 4.42 -2.25
CA ASP A 237 -4.27 3.05 -2.44
C ASP A 237 -4.40 2.67 -3.91
N MET A 238 -5.40 3.21 -4.61
CA MET A 238 -5.66 2.83 -6.00
C MET A 238 -4.64 3.55 -6.91
N TRP A 239 -4.20 4.75 -6.58
CA TRP A 239 -3.07 5.39 -7.29
C TRP A 239 -1.82 4.51 -7.13
N SER A 240 -1.51 4.13 -5.89
CA SER A 240 -0.32 3.26 -5.61
C SER A 240 -0.37 1.99 -6.45
N LEU A 241 -1.54 1.35 -6.49
CA LEU A 241 -1.74 0.09 -7.22
C LEU A 241 -1.49 0.36 -8.71
N GLY A 242 -1.96 1.48 -9.22
CA GLY A 242 -1.66 1.84 -10.62
C GLY A 242 -0.16 1.93 -10.88
N CYS A 243 0.58 2.53 -9.96
CA CYS A 243 2.05 2.65 -10.09
C CYS A 243 2.65 1.25 -10.18
N MET A 244 2.16 0.34 -9.35
CA MET A 244 2.64 -1.06 -9.37
C MET A 244 2.30 -1.68 -10.70
N LEU A 245 1.06 -1.51 -11.17
CA LEU A 245 0.64 -2.16 -12.43
C LEU A 245 1.54 -1.62 -13.56
N ALA A 246 1.78 -0.31 -13.61
CA ALA A 246 2.55 0.31 -14.73
C ALA A 246 3.94 -0.33 -14.72
N SER A 247 4.57 -0.36 -13.55
N SER A 247 4.51 -0.60 -13.55
CA SER A 247 5.94 -0.86 -13.40
CA SER A 247 5.87 -1.18 -13.43
C SER A 247 6.00 -2.27 -13.95
C SER A 247 5.90 -2.66 -13.89
N MET A 248 4.94 -3.06 -13.69
N MET A 248 4.79 -3.40 -13.75
CA MET A 248 4.86 -4.50 -14.01
CA MET A 248 4.77 -4.85 -14.06
C MET A 248 4.72 -4.67 -15.52
C MET A 248 4.45 -5.04 -15.54
N ILE A 249 3.71 -4.19 -16.13
CA ILE A 249 3.35 -4.45 -17.55
C ILE A 249 4.37 -3.80 -18.48
N PHE A 250 5.04 -2.74 -18.02
CA PHE A 250 6.01 -2.02 -18.88
C PHE A 250 7.45 -2.40 -18.50
N ARG A 251 7.63 -3.22 -17.47
CA ARG A 251 9.00 -3.58 -16.98
C ARG A 251 9.82 -2.31 -16.77
N LYS A 252 9.32 -1.38 -15.97
CA LYS A 252 10.01 -0.13 -15.65
C LYS A 252 9.74 0.15 -14.17
N GLU A 253 10.73 -0.09 -13.31
CA GLU A 253 10.58 -0.11 -11.85
C GLU A 253 11.57 0.87 -11.25
N PRO A 254 11.15 1.92 -10.50
CA PRO A 254 9.74 2.31 -10.42
C PRO A 254 9.27 3.02 -11.69
N PHE A 255 7.95 3.16 -11.85
CA PHE A 255 7.41 3.77 -13.08
C PHE A 255 7.59 5.30 -13.01
N PHE A 256 7.24 5.93 -11.89
CA PHE A 256 7.43 7.39 -11.68
C PHE A 256 8.62 7.52 -10.75
N HIS A 257 9.82 7.78 -11.30
CA HIS A 257 11.05 7.78 -10.49
C HIS A 257 11.49 9.20 -10.14
N GLY A 258 10.79 9.85 -9.20
CA GLY A 258 11.16 11.21 -8.78
C GLY A 258 12.36 11.20 -7.85
N HIS A 259 13.12 12.30 -7.83
CA HIS A 259 14.29 12.42 -6.92
C HIS A 259 13.82 12.99 -5.58
N ASP A 260 12.61 13.56 -5.56
CA ASP A 260 12.03 14.10 -4.30
C ASP A 260 10.52 14.26 -4.52
N ASN A 261 9.79 14.71 -3.50
CA ASN A 261 8.31 14.82 -3.61
C ASN A 261 7.94 15.77 -4.76
N TYR A 262 8.71 16.84 -4.95
CA TYR A 262 8.40 17.84 -6.00
C TYR A 262 8.70 17.26 -7.39
N ASP A 263 9.86 16.62 -7.55
CA ASP A 263 10.21 15.98 -8.84
C ASP A 263 9.24 14.83 -9.12
N GLN A 264 8.74 14.19 -8.06
CA GLN A 264 7.80 13.05 -8.23
C GLN A 264 6.59 13.53 -9.05
N LEU A 265 6.04 14.70 -8.69
CA LEU A 265 4.84 15.21 -9.40
C LEU A 265 5.23 15.62 -10.83
N VAL A 266 6.45 16.13 -11.01
CA VAL A 266 6.92 16.48 -12.39
C VAL A 266 6.99 15.19 -13.21
N ARG A 267 7.50 14.08 -12.65
CA ARG A 267 7.63 12.80 -13.37
C ARG A 267 6.23 12.32 -13.78
N ILE A 268 5.23 12.53 -12.93
CA ILE A 268 3.82 12.14 -13.21
C ILE A 268 3.31 13.04 -14.35
N ALA A 269 3.48 14.34 -14.18
CA ALA A 269 2.96 15.38 -15.11
C ALA A 269 3.59 15.22 -16.50
N LYS A 270 4.80 14.71 -16.59
CA LYS A 270 5.45 14.46 -17.90
C LYS A 270 4.78 13.31 -18.67
N VAL A 271 3.94 12.52 -18.01
CA VAL A 271 3.25 11.36 -18.66
C VAL A 271 1.76 11.67 -18.79
N LEU A 272 1.09 12.03 -17.70
CA LEU A 272 -0.37 12.25 -17.71
C LEU A 272 -0.70 13.68 -18.18
N GLY A 273 0.31 14.52 -18.33
CA GLY A 273 0.10 15.91 -18.77
C GLY A 273 -0.31 16.82 -17.63
N THR A 274 -0.23 18.13 -17.84
CA THR A 274 -0.54 19.11 -16.77
C THR A 274 -1.98 19.63 -16.84
N GLU A 275 -2.67 19.47 -17.95
CA GLU A 275 -4.07 19.96 -18.11
C GLU A 275 -4.97 19.36 -17.01
N ASP A 276 -4.94 18.04 -16.84
CA ASP A 276 -5.79 17.37 -15.83
C ASP A 276 -5.29 17.69 -14.41
N LEU A 277 -3.98 17.94 -14.24
CA LEU A 277 -3.38 18.34 -12.95
C LEU A 277 -3.89 19.71 -12.53
N TYR A 278 -3.86 20.70 -13.43
CA TYR A 278 -4.29 22.07 -13.10
C TYR A 278 -5.80 22.09 -12.88
N ASP A 279 -6.55 21.30 -13.64
CA ASP A 279 -8.01 21.06 -13.49
C ASP A 279 -8.27 20.47 -12.10
N TYR A 280 -7.42 19.55 -11.64
CA TYR A 280 -7.54 18.93 -10.29
C TYR A 280 -7.28 19.99 -9.21
N ILE A 281 -6.17 20.70 -9.34
CA ILE A 281 -5.78 21.74 -8.38
C ILE A 281 -6.89 22.80 -8.31
N ASP A 282 -7.48 23.16 -9.43
CA ASP A 282 -8.55 24.19 -9.50
C ASP A 282 -9.83 23.60 -8.87
N LYS A 283 -10.21 22.36 -9.17
CA LYS A 283 -11.45 21.75 -8.61
C LYS A 283 -11.45 21.81 -7.07
N TYR A 284 -10.32 21.53 -6.40
CA TYR A 284 -10.28 21.37 -4.92
C TYR A 284 -9.69 22.63 -4.27
N ASN A 285 -9.47 23.68 -5.08
CA ASN A 285 -8.82 24.95 -4.64
C ASN A 285 -7.57 24.59 -3.84
N ILE A 286 -6.68 23.80 -4.44
CA ILE A 286 -5.40 23.42 -3.79
C ILE A 286 -4.39 24.55 -4.03
N GLU A 287 -3.71 25.02 -2.98
CA GLU A 287 -2.59 25.97 -3.14
C GLU A 287 -1.35 25.17 -3.52
N LEU A 288 -0.95 25.23 -4.78
CA LEU A 288 0.33 24.65 -5.25
C LEU A 288 1.49 25.35 -4.54
N ASP A 289 2.24 24.64 -3.69
CA ASP A 289 3.55 25.09 -3.18
C ASP A 289 4.24 25.81 -4.33
N PRO A 290 4.60 27.12 -4.19
CA PRO A 290 5.05 27.90 -5.33
C PRO A 290 6.46 27.52 -5.82
N ARG A 291 7.12 26.55 -5.18
CA ARG A 291 8.39 25.95 -5.67
C ARG A 291 8.12 25.00 -6.86
N PHE A 292 6.87 24.58 -7.08
CA PHE A 292 6.42 23.96 -8.36
C PHE A 292 6.45 24.98 -9.51
N ASN A 293 6.39 26.28 -9.20
CA ASN A 293 6.22 27.36 -10.21
C ASN A 293 7.29 27.24 -11.29
N ASP A 294 8.52 26.81 -10.96
CA ASP A 294 9.67 26.81 -11.90
C ASP A 294 10.05 25.41 -12.41
N ILE A 295 9.45 24.32 -11.91
CA ILE A 295 9.89 22.94 -12.30
C ILE A 295 8.78 22.17 -13.05
N LEU A 296 7.53 22.64 -13.00
CA LEU A 296 6.36 21.89 -13.52
C LEU A 296 6.03 22.30 -14.97
N GLY A 297 5.76 23.58 -15.20
CA GLY A 297 5.40 24.11 -16.52
C GLY A 297 4.15 23.47 -17.05
N ARG A 298 4.07 23.30 -18.38
CA ARG A 298 2.95 22.63 -19.05
C ARG A 298 3.50 21.45 -19.83
N HIS A 299 2.79 20.32 -19.77
CA HIS A 299 3.21 19.05 -20.39
C HIS A 299 2.02 18.50 -21.16
N SER A 300 2.33 17.91 -22.31
CA SER A 300 1.32 17.18 -23.07
C SER A 300 1.00 15.87 -22.34
N ARG A 301 -0.23 15.37 -22.51
CA ARG A 301 -0.57 14.03 -21.99
C ARG A 301 0.01 13.04 -22.99
N LYS A 302 0.85 12.12 -22.54
CA LYS A 302 1.46 11.14 -23.44
C LYS A 302 0.47 9.98 -23.58
N ARG A 303 0.61 9.20 -24.63
CA ARG A 303 -0.25 8.01 -24.83
C ARG A 303 0.45 6.83 -24.16
N TRP A 304 -0.32 6.00 -23.45
CA TRP A 304 0.26 4.84 -22.71
C TRP A 304 1.12 3.99 -23.65
N GLU A 305 1.02 4.22 -24.96
CA GLU A 305 1.72 3.37 -25.97
C GLU A 305 3.22 3.68 -26.09
N ARG A 306 3.66 4.82 -25.57
CA ARG A 306 5.10 5.21 -25.64
C ARG A 306 5.96 4.27 -24.80
N PHE A 307 5.36 3.53 -23.86
CA PHE A 307 6.17 2.68 -22.94
C PHE A 307 6.21 1.23 -23.43
N VAL A 308 5.43 0.92 -24.47
CA VAL A 308 5.33 -0.48 -24.97
C VAL A 308 6.52 -0.74 -25.89
N HIS A 309 7.15 -1.90 -25.74
CA HIS A 309 8.34 -2.24 -26.56
C HIS A 309 8.46 -3.76 -26.74
N SER A 310 9.46 -4.23 -27.49
CA SER A 310 9.57 -5.66 -27.86
C SER A 310 9.61 -6.55 -26.61
N GLU A 311 10.26 -6.09 -25.53
CA GLU A 311 10.51 -6.85 -24.28
C GLU A 311 9.29 -6.87 -23.34
N ASN A 312 8.32 -5.98 -23.53
CA ASN A 312 7.14 -5.92 -22.62
C ASN A 312 5.82 -6.09 -23.37
N GLN A 313 5.78 -6.07 -24.72
CA GLN A 313 4.52 -6.03 -25.50
C GLN A 313 3.62 -7.21 -25.13
N HIS A 314 4.18 -8.33 -24.69
CA HIS A 314 3.40 -9.54 -24.37
C HIS A 314 2.60 -9.32 -23.08
N LEU A 315 2.94 -8.28 -22.33
CA LEU A 315 2.25 -7.99 -21.04
C LEU A 315 1.19 -6.92 -21.25
N VAL A 316 1.13 -6.31 -22.44
CA VAL A 316 0.33 -5.10 -22.69
C VAL A 316 -0.81 -5.50 -23.60
N SER A 317 -2.00 -5.02 -23.31
CA SER A 317 -3.26 -5.29 -24.04
C SER A 317 -4.10 -4.02 -23.96
N PRO A 318 -5.06 -3.81 -24.86
CA PRO A 318 -5.96 -2.67 -24.74
C PRO A 318 -6.65 -2.65 -23.35
N GLU A 319 -7.01 -3.83 -22.82
CA GLU A 319 -7.71 -3.97 -21.50
C GLU A 319 -6.72 -3.49 -20.42
N ALA A 320 -5.45 -3.89 -20.49
CA ALA A 320 -4.45 -3.44 -19.49
C ALA A 320 -4.31 -1.91 -19.48
N LEU A 321 -4.17 -1.30 -20.65
CA LEU A 321 -3.96 0.16 -20.72
C LEU A 321 -5.22 0.91 -20.27
N ASP A 322 -6.39 0.37 -20.61
CA ASP A 322 -7.66 1.00 -20.17
C ASP A 322 -7.75 0.95 -18.65
N PHE A 323 -7.41 -0.19 -18.06
CA PHE A 323 -7.44 -0.34 -16.58
C PHE A 323 -6.46 0.63 -15.93
N LEU A 324 -5.23 0.68 -16.47
CA LEU A 324 -4.20 1.59 -15.91
C LEU A 324 -4.67 3.04 -16.01
N ASP A 325 -5.25 3.42 -17.14
CA ASP A 325 -5.73 4.81 -17.34
C ASP A 325 -6.77 5.15 -16.29
N LYS A 326 -7.55 4.15 -15.87
CA LYS A 326 -8.67 4.41 -14.92
C LYS A 326 -8.16 4.39 -13.49
N LEU A 327 -6.93 3.94 -13.26
CA LEU A 327 -6.33 4.00 -11.91
C LEU A 327 -5.50 5.28 -11.80
N LEU A 328 -4.70 5.57 -12.82
CA LEU A 328 -3.76 6.72 -12.75
C LEU A 328 -4.48 8.01 -13.16
N ARG A 329 -5.39 8.46 -12.31
CA ARG A 329 -6.10 9.74 -12.52
C ARG A 329 -5.68 10.69 -11.39
N TYR A 330 -5.40 11.94 -11.72
CA TYR A 330 -5.08 12.95 -10.70
C TYR A 330 -6.20 13.03 -9.68
N ASP A 331 -7.41 13.17 -10.18
CA ASP A 331 -8.59 13.34 -9.30
C ASP A 331 -8.87 12.02 -8.58
N HIS A 332 -8.56 11.98 -7.29
CA HIS A 332 -8.81 10.78 -6.45
C HIS A 332 -10.25 10.28 -6.60
N GLN A 333 -11.24 11.18 -6.79
CA GLN A 333 -12.66 10.78 -6.88
C GLN A 333 -12.97 10.08 -8.21
N SER A 334 -12.11 10.27 -9.20
N SER A 334 -12.12 10.26 -9.20
CA SER A 334 -12.32 9.74 -10.56
CA SER A 334 -12.33 9.73 -10.58
C SER A 334 -11.75 8.32 -10.67
C SER A 334 -11.62 8.38 -10.76
N ARG A 335 -10.85 7.92 -9.78
CA ARG A 335 -10.16 6.60 -9.91
C ARG A 335 -11.17 5.48 -9.68
N LEU A 336 -10.93 4.34 -10.29
CA LEU A 336 -11.62 3.10 -9.95
C LEU A 336 -11.46 2.82 -8.47
N THR A 337 -12.53 2.41 -7.81
CA THR A 337 -12.42 1.81 -6.48
C THR A 337 -11.89 0.38 -6.62
N ALA A 338 -11.48 -0.26 -5.52
CA ALA A 338 -10.97 -1.65 -5.61
C ALA A 338 -12.06 -2.56 -6.18
N ARG A 339 -13.33 -2.45 -5.74
CA ARG A 339 -14.39 -3.33 -6.28
C ARG A 339 -14.67 -2.95 -7.74
N GLU A 340 -14.65 -1.67 -8.12
CA GLU A 340 -14.90 -1.31 -9.55
C GLU A 340 -13.78 -1.89 -10.42
N ALA A 341 -12.56 -1.88 -9.88
CA ALA A 341 -11.39 -2.46 -10.59
C ALA A 341 -11.62 -3.96 -10.79
N MET A 342 -12.15 -4.65 -9.80
CA MET A 342 -12.37 -6.11 -9.88
C MET A 342 -13.37 -6.42 -10.99
N GLU A 343 -14.18 -5.44 -11.39
CA GLU A 343 -15.20 -5.67 -12.43
C GLU A 343 -14.62 -5.32 -13.81
N HIS A 344 -13.36 -4.90 -13.93
CA HIS A 344 -12.78 -4.43 -15.21
C HIS A 344 -12.51 -5.62 -16.14
N PRO A 345 -12.72 -5.44 -17.45
CA PRO A 345 -12.40 -6.49 -18.43
C PRO A 345 -11.01 -7.15 -18.34
N TYR A 346 -10.01 -6.43 -17.86
CA TYR A 346 -8.64 -6.96 -17.65
C TYR A 346 -8.73 -8.24 -16.84
N PHE A 347 -9.71 -8.37 -15.93
CA PHE A 347 -9.76 -9.55 -15.03
C PHE A 347 -10.70 -10.64 -15.55
N TYR A 348 -11.33 -10.48 -16.72
CA TYR A 348 -12.34 -11.49 -17.15
C TYR A 348 -11.69 -12.87 -17.26
N THR A 349 -10.42 -12.96 -17.65
CA THR A 349 -9.70 -14.24 -17.89
C THR A 349 -9.23 -14.85 -16.57
N VAL A 350 -9.22 -14.12 -15.45
CA VAL A 350 -8.75 -14.69 -14.16
C VAL A 350 -9.82 -15.68 -13.67
N VAL A 351 -9.42 -16.95 -13.54
CA VAL A 351 -10.27 -18.07 -13.05
C VAL A 351 -10.48 -17.80 -11.56
N LYS A 352 -11.75 -17.67 -11.13
CA LYS A 352 -12.17 -17.11 -9.80
C LYS A 352 -12.83 -18.22 -8.97
N CYS B 1 23.28 -16.29 22.81
CA CYS B 1 23.26 -15.20 21.76
C CYS B 1 21.81 -14.68 21.63
N ARG B 2 21.65 -13.35 21.68
CA ARG B 2 20.34 -12.66 21.86
C ARG B 2 20.30 -11.38 21.00
N LEU B 3 19.13 -11.04 20.44
CA LEU B 3 18.89 -9.74 19.75
C LEU B 3 17.52 -9.21 20.17
N TYR B 4 17.46 -7.98 20.72
CA TYR B 4 16.25 -7.37 21.33
C TYR B 4 15.47 -8.38 22.16
N GLY B 5 16.18 -9.21 22.93
CA GLY B 5 15.53 -10.16 23.87
C GLY B 5 15.36 -11.54 23.29
N PHE B 6 15.41 -11.71 21.96
CA PHE B 6 15.15 -13.03 21.34
C PHE B 6 16.45 -13.84 21.29
N LYS B 7 16.39 -15.11 21.69
CA LYS B 7 17.46 -16.10 21.41
C LYS B 7 17.60 -16.32 19.90
N TRP B 8 18.83 -16.43 19.41
CA TRP B 8 19.18 -17.11 18.14
C TRP B 8 18.92 -18.60 18.32
#